data_5JH6
#
_entry.id   5JH6
#
_cell.length_a   58.303
_cell.length_b   133.579
_cell.length_c   145.697
_cell.angle_alpha   90.00
_cell.angle_beta   90.00
_cell.angle_gamma   90.00
#
_symmetry.space_group_name_H-M   'I 2 2 2'
#
loop_
_entity.id
_entity.type
_entity.pdbx_description
1 polymer 'Mitogen-activated protein kinase kinase kinase 7,TGF-beta-activated kinase 1 and MAP3K7-binding protein 1'
2 non-polymer '2-[(5-chloro-2-{[4-(4-methylpiperazin-1-yl)phenyl]amino}pyrimidin-4-yl)amino]phenyl prop-2-enoate'
3 water water
#
_entity_poly.entity_id   1
_entity_poly.type   'polypeptide(L)'
_entity_poly.pdbx_seq_one_letter_code
;SLHMIDYKEIEVEEVVGRGAFGVVCKAKWRAKDVAIKQIESESERKAFIVELRQLSRVNHPNIVKLYGACLNPVCLVMEY
AEGGSLYNVLHGAEPLPYYTAAHAMSWCLQCSQGVAYLHSMQPKALIHRDLKPPNLLLVAGGTVLKICDFGTACDIQTHM
TNNKGSAAWMAPEVFEGSNYSEKCDVFSWGIILWEVITRRKPFDEIGGPAFRIMWAVHNGTRPPLIKNLPKPIESLMTRC
WSKDPSQRPSMEEIVKIMTHLMRYFPGADEPLQYPCQHSLPPGEDGRVEPYVDFAEFYRLWSVDHGEQSVVTAP
;
_entity_poly.pdbx_strand_id   A
#
# COMPACT_ATOMS: atom_id res chain seq x y z
N SER A 1 -23.85 10.28 -8.18
CA SER A 1 -22.46 10.17 -7.75
C SER A 1 -22.32 9.26 -6.53
N LEU A 2 -23.15 9.51 -5.52
CA LEU A 2 -23.10 8.75 -4.28
C LEU A 2 -24.51 8.43 -3.80
N HIS A 3 -24.66 7.26 -3.18
CA HIS A 3 -25.94 6.82 -2.66
C HIS A 3 -26.16 7.41 -1.28
N MET A 4 -27.34 7.97 -1.05
CA MET A 4 -27.66 8.62 0.21
C MET A 4 -28.38 7.63 1.12
N ILE A 5 -27.75 7.30 2.24
CA ILE A 5 -28.29 6.35 3.21
C ILE A 5 -28.26 6.99 4.59
N ASP A 6 -29.29 6.73 5.38
CA ASP A 6 -29.40 7.24 6.73
C ASP A 6 -28.97 6.17 7.73
N TYR A 7 -28.81 6.59 8.98
CA TYR A 7 -28.34 5.67 10.02
C TYR A 7 -29.38 4.62 10.38
N LYS A 8 -30.65 4.83 10.03
CA LYS A 8 -31.69 3.87 10.36
C LYS A 8 -31.50 2.55 9.61
N GLU A 9 -31.17 2.63 8.32
CA GLU A 9 -30.96 1.42 7.52
C GLU A 9 -29.67 0.70 7.88
N ILE A 10 -28.69 1.42 8.44
CA ILE A 10 -27.41 0.81 8.79
C ILE A 10 -27.56 -0.01 10.07
N GLU A 11 -26.74 -1.05 10.19
CA GLU A 11 -26.72 -1.92 11.37
C GLU A 11 -25.26 -2.09 11.78
N VAL A 12 -24.86 -1.39 12.84
CA VAL A 12 -23.49 -1.43 13.34
C VAL A 12 -23.28 -2.76 14.06
N GLU A 13 -22.20 -3.44 13.72
CA GLU A 13 -21.89 -4.77 14.28
C GLU A 13 -20.76 -4.73 15.29
N GLU A 14 -19.59 -4.22 14.91
CA GLU A 14 -18.44 -4.25 15.79
C GLU A 14 -17.41 -3.24 15.31
N VAL A 15 -16.56 -2.80 16.24
CA VAL A 15 -15.51 -1.84 15.90
C VAL A 15 -14.38 -2.54 15.18
N VAL A 16 -13.60 -1.76 14.44
CA VAL A 16 -12.52 -2.29 13.61
C VAL A 16 -11.18 -1.74 14.09
N GLY A 17 -10.93 -0.47 13.83
CA GLY A 17 -9.65 0.14 14.16
C GLY A 17 -9.76 1.59 14.57
N ARG A 18 -8.63 2.29 14.64
CA ARG A 18 -8.59 3.67 15.11
C ARG A 18 -7.86 4.50 14.06
N GLY A 19 -8.63 5.09 13.14
CA GLY A 19 -8.09 5.99 12.15
C GLY A 19 -8.01 7.41 12.69
N ALA A 20 -8.15 8.38 11.79
CA ALA A 20 -8.11 9.78 12.20
C ALA A 20 -9.40 10.20 12.89
N PHE A 21 -10.54 9.69 12.42
CA PHE A 21 -11.83 10.09 12.93
C PHE A 21 -12.24 9.22 14.12
N VAL A 23 -11.45 6.31 14.14
CA VAL A 23 -12.52 5.44 14.60
C VAL A 23 -13.28 4.87 13.41
N VAL A 24 -13.25 3.55 13.27
CA VAL A 24 -13.92 2.84 12.19
C VAL A 24 -14.71 1.68 12.78
N CYS A 25 -15.88 1.40 12.20
CA CYS A 25 -16.77 0.36 12.70
C CYS A 25 -17.26 -0.49 11.53
N LYS A 26 -17.40 -1.79 11.78
CA LYS A 26 -17.98 -2.70 10.80
C LYS A 26 -19.50 -2.65 10.88
N ALA A 27 -20.14 -2.94 9.75
CA ALA A 27 -21.60 -2.88 9.69
C ALA A 27 -22.09 -3.74 8.53
N LYS A 28 -23.40 -3.93 8.47
CA LYS A 28 -24.05 -4.66 7.39
C LYS A 28 -25.25 -3.84 6.93
N TRP A 29 -25.21 -3.39 5.68
CA TRP A 29 -26.27 -2.58 5.09
C TRP A 29 -26.66 -3.15 3.74
N ARG A 30 -27.93 -3.47 3.57
CA ARG A 30 -28.45 -3.93 2.28
C ARG A 30 -27.77 -5.24 1.85
N ALA A 31 -27.61 -6.15 2.81
CA ALA A 31 -27.00 -7.46 2.54
C ALA A 31 -25.57 -7.31 2.01
N LYS A 32 -24.85 -6.32 2.54
CA LYS A 32 -23.46 -6.07 2.16
C LYS A 32 -22.69 -5.65 3.39
N ASP A 33 -21.54 -6.28 3.60
CA ASP A 33 -20.65 -5.85 4.68
C ASP A 33 -19.98 -4.54 4.30
N VAL A 34 -20.02 -3.56 5.21
CA VAL A 34 -19.52 -2.23 4.94
C VAL A 34 -18.79 -1.72 6.18
N ALA A 35 -17.71 -0.98 5.95
CA ALA A 35 -16.97 -0.30 7.01
C ALA A 35 -17.34 1.17 7.00
N ILE A 36 -17.64 1.72 8.18
CA ILE A 36 -18.13 3.09 8.32
C ILE A 36 -17.19 3.86 9.22
N LYS A 37 -16.91 5.10 8.86
CA LYS A 37 -15.98 5.97 9.57
C LYS A 37 -16.74 7.19 10.05
N GLN A 38 -17.31 7.08 11.25
CA GLN A 38 -18.13 8.14 11.81
C GLN A 38 -17.27 9.27 12.36
N ILE A 39 -17.80 10.49 12.29
CA ILE A 39 -17.13 11.65 12.86
C ILE A 39 -17.68 11.87 14.27
N GLU A 40 -16.79 12.29 15.17
CA GLU A 40 -17.16 12.63 16.54
C GLU A 40 -16.51 13.95 16.93
N SER A 41 -16.60 14.94 16.04
CA SER A 41 -15.94 16.22 16.23
C SER A 41 -16.45 17.19 15.19
N GLU A 42 -16.62 18.45 15.59
CA GLU A 42 -17.04 19.48 14.65
C GLU A 42 -15.90 19.88 13.72
N SER A 43 -14.67 19.85 14.22
CA SER A 43 -13.52 20.25 13.39
C SER A 43 -13.31 19.30 12.23
N GLU A 44 -13.55 18.01 12.45
CA GLU A 44 -13.30 16.99 11.44
C GLU A 44 -14.34 16.98 10.33
N ARG A 45 -15.45 17.73 10.48
CA ARG A 45 -16.47 17.74 9.44
C ARG A 45 -16.00 18.44 8.18
N LYS A 46 -15.12 19.44 8.29
CA LYS A 46 -14.63 20.14 7.11
C LYS A 46 -13.70 19.28 6.27
N ALA A 47 -13.11 18.23 6.86
CA ALA A 47 -12.31 17.30 6.06
C ALA A 47 -13.19 16.53 5.09
N PHE A 48 -14.40 16.18 5.51
CA PHE A 48 -15.33 15.47 4.63
C PHE A 48 -15.69 16.30 3.40
N ILE A 49 -15.77 17.63 3.55
CA ILE A 49 -16.26 18.47 2.46
C ILE A 49 -15.30 18.40 1.27
N VAL A 50 -14.00 18.44 1.54
CA VAL A 50 -13.02 18.38 0.45
C VAL A 50 -12.90 16.96 -0.09
N GLU A 51 -12.96 15.97 0.79
CA GLU A 51 -12.72 14.58 0.39
C GLU A 51 -13.91 14.00 -0.37
N LEU A 52 -15.13 14.34 0.04
CA LEU A 52 -16.31 13.74 -0.58
C LEU A 52 -16.43 14.16 -2.05
N ARG A 53 -15.98 15.37 -2.39
CA ARG A 53 -16.01 15.80 -3.79
C ARG A 53 -15.09 14.94 -4.64
N GLN A 54 -13.92 14.60 -4.11
CA GLN A 54 -12.95 13.81 -4.86
C GLN A 54 -13.29 12.33 -4.82
N LEU A 55 -13.64 11.81 -3.64
CA LEU A 55 -13.87 10.38 -3.49
C LEU A 55 -15.09 9.90 -4.29
N SER A 56 -16.07 10.78 -4.48
CA SER A 56 -17.25 10.39 -5.25
C SER A 56 -16.89 10.19 -6.73
N ARG A 57 -15.99 11.00 -7.26
CA ARG A 57 -15.57 10.87 -8.65
C ARG A 57 -14.67 9.66 -8.87
N VAL A 58 -14.00 9.19 -7.83
CA VAL A 58 -13.08 8.06 -7.97
C VAL A 58 -13.87 6.77 -8.12
N ASN A 59 -13.42 5.92 -9.05
CA ASN A 59 -14.03 4.61 -9.25
C ASN A 59 -13.01 3.72 -9.95
N HIS A 60 -12.44 2.77 -9.20
CA HIS A 60 -11.39 1.91 -9.73
C HIS A 60 -11.41 0.60 -8.97
N PRO A 61 -11.08 -0.53 -9.62
CA PRO A 61 -11.08 -1.82 -8.90
C PRO A 61 -10.14 -1.85 -7.71
N ASN A 62 -8.93 -1.30 -7.86
CA ASN A 62 -7.93 -1.34 -6.80
C ASN A 62 -8.00 -0.14 -5.87
N ILE A 63 -9.12 0.57 -5.85
CA ILE A 63 -9.37 1.64 -4.89
C ILE A 63 -10.67 1.33 -4.16
N VAL A 64 -10.71 1.70 -2.88
CA VAL A 64 -11.86 1.37 -2.05
C VAL A 64 -13.11 2.05 -2.59
N LYS A 65 -14.22 1.32 -2.57
CA LYS A 65 -15.49 1.82 -3.09
C LYS A 65 -16.28 2.51 -1.98
N LEU A 66 -16.96 3.59 -2.35
CA LEU A 66 -17.78 4.37 -1.42
C LEU A 66 -19.24 4.17 -1.79
N TYR A 67 -19.98 3.47 -0.94
CA TYR A 67 -21.42 3.29 -1.16
C TYR A 67 -22.18 4.55 -0.75
N LEU A 71 -27.21 13.60 6.47
CA LEU A 71 -26.81 12.35 7.07
C LEU A 71 -26.48 12.56 8.54
N ASN A 72 -27.23 11.89 9.41
CA ASN A 72 -27.08 12.06 10.85
C ASN A 72 -27.03 10.71 11.57
N PRO A 73 -25.90 10.39 12.23
CA PRO A 73 -24.64 11.13 12.28
C PRO A 73 -23.91 11.10 10.93
N VAL A 74 -23.06 12.09 10.68
CA VAL A 74 -22.33 12.16 9.42
C VAL A 74 -21.36 10.99 9.33
N CYS A 75 -21.40 10.28 8.21
CA CYS A 75 -20.63 9.06 8.05
C CYS A 75 -20.27 8.85 6.59
N LEU A 76 -19.33 7.93 6.36
CA LEU A 76 -18.95 7.46 5.04
C LEU A 76 -19.13 5.94 5.01
N VAL A 77 -20.05 5.47 4.17
CA VAL A 77 -20.32 4.05 4.05
C VAL A 77 -19.43 3.50 2.94
N MET A 78 -18.36 2.82 3.34
CA MET A 78 -17.42 2.22 2.42
C MET A 78 -17.51 0.70 2.49
N GLU A 79 -16.94 0.03 1.49
CA GLU A 79 -17.01 -1.42 1.43
C GLU A 79 -16.04 -2.04 2.42
N TYR A 80 -16.46 -3.15 3.02
CA TYR A 80 -15.67 -3.81 4.04
C TYR A 80 -14.67 -4.76 3.40
N ALA A 81 -13.40 -4.64 3.80
CA ALA A 81 -12.33 -5.49 3.30
C ALA A 81 -12.06 -6.57 4.33
N GLU A 82 -12.42 -7.81 3.99
CA GLU A 82 -12.30 -8.90 4.96
C GLU A 82 -10.84 -9.18 5.32
N GLY A 83 -9.92 -8.97 4.37
CA GLY A 83 -8.53 -9.36 4.59
C GLY A 83 -7.72 -8.47 5.50
N GLY A 84 -8.24 -7.30 5.85
CA GLY A 84 -7.51 -6.38 6.70
C GLY A 84 -6.47 -5.60 5.92
N SER A 85 -5.55 -4.98 6.66
CA SER A 85 -4.51 -4.17 6.04
C SER A 85 -3.33 -5.04 5.61
N LEU A 86 -2.59 -4.53 4.63
CA LEU A 86 -1.38 -5.22 4.19
C LEU A 86 -0.31 -5.23 5.29
N TYR A 87 -0.26 -4.18 6.10
CA TYR A 87 0.70 -4.14 7.20
C TYR A 87 0.44 -5.28 8.17
N ASN A 88 -0.84 -5.54 8.48
CA ASN A 88 -1.18 -6.60 9.43
C ASN A 88 -0.81 -7.97 8.87
N VAL A 89 -0.99 -8.16 7.56
CA VAL A 89 -0.62 -9.42 6.94
C VAL A 89 0.89 -9.64 7.04
N LEU A 90 1.67 -8.57 6.88
CA LEU A 90 3.13 -8.72 6.81
C LEU A 90 3.78 -8.82 8.17
N HIS A 91 3.34 -7.99 9.13
CA HIS A 91 4.02 -7.84 10.41
C HIS A 91 3.09 -7.99 11.61
N GLY A 92 1.85 -8.40 11.39
CA GLY A 92 0.82 -8.33 12.42
C GLY A 92 0.93 -9.43 13.46
N ALA A 93 -0.21 -9.69 14.11
CA ALA A 93 -0.29 -10.65 15.18
C ALA A 93 -0.28 -12.08 14.64
N GLU A 94 0.35 -12.97 15.39
CA GLU A 94 0.40 -14.36 15.01
C GLU A 94 -1.02 -14.93 15.06
N PRO A 95 -1.33 -15.91 14.19
CA PRO A 95 -0.43 -16.50 13.20
C PRO A 95 -0.39 -15.71 11.89
N LEU A 96 0.82 -15.56 11.33
CA LEU A 96 0.96 -14.85 10.07
C LEU A 96 0.76 -15.80 8.90
N PRO A 97 0.15 -15.35 7.81
CA PRO A 97 -0.02 -16.23 6.65
C PRO A 97 1.25 -16.30 5.81
N TYR A 98 1.35 -17.38 5.06
CA TYR A 98 2.41 -17.55 4.08
C TYR A 98 2.04 -16.84 2.79
N TYR A 99 3.05 -16.30 2.10
CA TYR A 99 2.82 -15.79 0.76
C TYR A 99 4.10 -15.92 -0.06
N THR A 100 3.95 -15.79 -1.37
CA THR A 100 5.02 -16.08 -2.31
C THR A 100 5.46 -14.80 -3.01
N ALA A 101 6.44 -14.97 -3.89
CA ALA A 101 6.90 -13.85 -4.70
C ALA A 101 5.80 -13.36 -5.62
N ALA A 102 4.92 -14.25 -6.07
CA ALA A 102 3.83 -13.84 -6.94
C ALA A 102 2.88 -12.88 -6.23
N HIS A 103 2.55 -13.18 -4.97
CA HIS A 103 1.68 -12.29 -4.20
C HIS A 103 2.32 -10.93 -4.03
N ALA A 104 3.60 -10.90 -3.63
CA ALA A 104 4.28 -9.64 -3.39
C ALA A 104 4.25 -8.76 -4.62
N MET A 105 4.64 -9.32 -5.78
CA MET A 105 4.62 -8.54 -7.02
C MET A 105 3.21 -8.13 -7.39
N SER A 106 2.24 -9.03 -7.22
CA SER A 106 0.86 -8.70 -7.55
C SER A 106 0.34 -7.56 -6.69
N TRP A 107 0.66 -7.57 -5.39
CA TRP A 107 0.24 -6.49 -4.51
C TRP A 107 0.78 -5.16 -4.99
N CYS A 108 2.06 -5.11 -5.31
CA CYS A 108 2.67 -3.88 -5.80
C CYS A 108 2.13 -3.49 -7.16
N LEU A 109 1.82 -4.47 -8.01
CA LEU A 109 1.22 -4.16 -9.31
C LEU A 109 -0.15 -3.51 -9.12
N GLN A 110 -1.02 -4.14 -8.34
CA GLN A 110 -2.34 -3.57 -8.09
C GLN A 110 -2.24 -2.22 -7.40
N CYS A 111 -1.20 -2.01 -6.58
CA CYS A 111 -1.05 -0.72 -5.92
C CYS A 111 -0.68 0.35 -6.94
N SER A 112 0.27 0.05 -7.83
CA SER A 112 0.64 1.00 -8.87
C SER A 112 -0.51 1.26 -9.83
N GLN A 113 -1.37 0.27 -10.07
CA GLN A 113 -2.53 0.49 -10.92
C GLN A 113 -3.48 1.50 -10.28
N GLY A 114 -3.70 1.40 -8.97
CA GLY A 114 -4.60 2.33 -8.31
C GLY A 114 -4.05 3.74 -8.26
N VAL A 115 -2.75 3.88 -8.00
CA VAL A 115 -2.15 5.20 -7.90
C VAL A 115 -2.07 5.86 -9.27
N ALA A 116 -1.81 5.07 -10.32
CA ALA A 116 -1.82 5.62 -11.68
C ALA A 116 -3.18 6.21 -12.03
N TYR A 117 -4.26 5.53 -11.64
CA TYR A 117 -5.59 6.07 -11.87
C TYR A 117 -5.76 7.43 -11.20
N LEU A 118 -5.32 7.54 -9.95
CA LEU A 118 -5.43 8.81 -9.24
C LEU A 118 -4.58 9.89 -9.89
N HIS A 119 -3.39 9.54 -10.37
CA HIS A 119 -2.52 10.52 -11.00
C HIS A 119 -3.12 11.05 -12.30
N SER A 120 -3.89 10.23 -13.00
CA SER A 120 -4.37 10.56 -14.34
C SER A 120 -5.76 11.18 -14.33
N MET A 121 -6.33 11.48 -13.16
CA MET A 121 -7.66 12.06 -13.11
C MET A 121 -7.64 13.51 -13.58
N GLN A 122 -8.80 13.95 -14.08
CA GLN A 122 -8.97 15.33 -14.52
C GLN A 122 -9.97 16.03 -13.60
N PRO A 123 -9.86 17.36 -13.45
CA PRO A 123 -8.87 18.25 -14.08
C PRO A 123 -7.48 18.17 -13.44
N LYS A 124 -7.42 18.06 -12.12
CA LYS A 124 -6.16 18.02 -11.39
C LYS A 124 -5.79 16.57 -11.05
N ALA A 125 -4.49 16.31 -11.00
CA ALA A 125 -3.99 15.01 -10.63
C ALA A 125 -4.05 14.84 -9.11
N LEU A 126 -4.78 13.83 -8.66
CA LEU A 126 -4.90 13.56 -7.23
C LEU A 126 -3.67 12.80 -6.75
N ILE A 127 -3.00 13.34 -5.74
CA ILE A 127 -1.82 12.71 -5.14
C ILE A 127 -2.22 12.10 -3.80
N HIS A 128 -1.86 10.83 -3.60
CA HIS A 128 -2.23 10.13 -2.38
C HIS A 128 -1.38 10.59 -1.19
N ARG A 129 -0.08 10.82 -1.44
CA ARG A 129 0.85 11.27 -0.40
C ARG A 129 1.14 10.16 0.61
N ASP A 130 0.20 9.88 1.52
CA ASP A 130 0.44 8.96 2.62
C ASP A 130 0.18 7.52 2.17
N LEU A 131 1.05 7.06 1.26
CA LEU A 131 0.95 5.72 0.70
C LEU A 131 1.81 4.77 1.50
N LYS A 132 1.19 3.82 2.19
CA LYS A 132 1.90 2.91 3.07
C LYS A 132 1.01 1.69 3.33
N PRO A 133 1.61 0.57 3.75
CA PRO A 133 0.84 -0.68 3.86
C PRO A 133 -0.34 -0.57 4.80
N PRO A 134 -0.23 0.19 5.89
CA PRO A 134 -1.41 0.33 6.78
C PRO A 134 -2.65 0.86 6.08
N ASN A 135 -2.48 1.53 4.94
CA ASN A 135 -3.61 2.03 4.16
C ASN A 135 -3.90 1.19 2.92
N LEU A 136 -3.14 0.11 2.71
CA LEU A 136 -3.41 -0.84 1.63
C LEU A 136 -4.19 -2.02 2.23
N LEU A 137 -5.43 -2.18 1.81
CA LEU A 137 -6.30 -3.25 2.29
C LEU A 137 -6.33 -4.40 1.29
N LEU A 138 -6.78 -5.55 1.77
CA LEU A 138 -6.78 -6.77 0.99
C LEU A 138 -8.14 -7.44 1.06
N VAL A 139 -8.55 -8.03 -0.07
CA VAL A 139 -9.81 -8.75 -0.17
C VAL A 139 -9.60 -10.00 -1.00
N ALA A 140 -10.63 -10.84 -1.04
CA ALA A 140 -10.61 -12.08 -1.83
C ALA A 140 -9.41 -12.95 -1.43
N GLY A 141 -9.42 -13.36 -0.17
CA GLY A 141 -8.37 -14.24 0.33
C GLY A 141 -7.00 -13.59 0.35
N GLY A 142 -6.93 -12.27 0.43
CA GLY A 142 -5.65 -11.59 0.45
C GLY A 142 -5.00 -11.46 -0.91
N THR A 143 -5.75 -11.64 -2.00
CA THR A 143 -5.20 -11.62 -3.35
C THR A 143 -5.41 -10.29 -4.06
N VAL A 144 -6.53 -9.60 -3.81
CA VAL A 144 -6.80 -8.32 -4.43
C VAL A 144 -6.49 -7.22 -3.42
N LEU A 145 -5.81 -6.19 -3.88
CA LEU A 145 -5.39 -5.08 -3.03
C LEU A 145 -6.25 -3.85 -3.32
N LYS A 146 -6.56 -3.11 -2.26
CA LYS A 146 -7.42 -1.93 -2.36
C LYS A 146 -6.77 -0.77 -1.64
N ILE A 147 -6.62 0.34 -2.33
CA ILE A 147 -6.06 1.55 -1.74
C ILE A 147 -7.19 2.33 -1.07
N CYS A 148 -6.85 3.05 -0.01
CA CYS A 148 -7.83 3.80 0.76
C CYS A 148 -7.26 5.16 1.10
N ASP A 149 -7.95 6.22 0.67
CA ASP A 149 -7.50 7.59 0.90
C ASP A 149 -7.96 8.04 2.28
N PHE A 150 -7.00 8.38 3.14
CA PHE A 150 -7.29 8.87 4.48
C PHE A 150 -8.20 7.89 5.22
N GLY A 165 3.54 7.65 12.26
CA GLY A 165 4.86 7.16 11.93
C GLY A 165 4.99 6.76 10.47
N SER A 166 4.77 7.73 9.57
CA SER A 166 4.85 7.50 8.13
C SER A 166 6.18 7.91 7.53
N ALA A 167 7.17 8.26 8.37
CA ALA A 167 8.43 8.75 7.84
C ALA A 167 9.16 7.70 7.01
N ALA A 168 8.95 6.42 7.32
CA ALA A 168 9.69 5.36 6.63
C ALA A 168 9.33 5.29 5.15
N TRP A 169 8.12 5.71 4.78
CA TRP A 169 7.65 5.64 3.40
C TRP A 169 7.58 7.01 2.72
N MET A 170 8.08 8.06 3.37
CA MET A 170 7.88 9.42 2.88
C MET A 170 9.13 9.88 2.12
N ALA A 171 8.90 10.36 0.89
CA ALA A 171 10.01 10.82 0.06
C ALA A 171 10.74 11.99 0.73
N PRO A 172 12.05 12.12 0.50
CA PRO A 172 12.80 13.19 1.18
C PRO A 172 12.28 14.59 0.90
N GLU A 173 11.92 14.89 -0.36
CA GLU A 173 11.52 16.26 -0.69
C GLU A 173 10.22 16.66 0.00
N VAL A 174 9.44 15.69 0.48
CA VAL A 174 8.15 16.02 1.09
C VAL A 174 8.36 16.68 2.45
N PHE A 175 9.00 15.96 3.38
CA PHE A 175 9.23 16.53 4.70
C PHE A 175 10.34 17.57 4.71
N GLU A 176 11.01 17.80 3.57
CA GLU A 176 11.92 18.92 3.45
C GLU A 176 11.19 20.24 3.33
N GLY A 177 9.92 20.22 2.93
CA GLY A 177 9.14 21.42 2.73
C GLY A 177 9.10 21.93 1.31
N SER A 178 9.75 21.25 0.38
CA SER A 178 9.75 21.66 -1.01
C SER A 178 8.42 21.33 -1.67
N ASN A 179 8.11 22.06 -2.74
CA ASN A 179 6.86 21.87 -3.46
C ASN A 179 6.88 20.49 -4.10
N TYR A 180 6.28 19.51 -3.45
CA TYR A 180 6.34 18.13 -3.91
C TYR A 180 5.45 17.90 -5.12
N SER A 181 5.81 16.90 -5.90
CA SER A 181 5.04 16.45 -7.05
C SER A 181 4.47 15.06 -6.77
N GLU A 182 3.80 14.48 -7.76
CA GLU A 182 3.25 13.14 -7.59
C GLU A 182 4.32 12.07 -7.56
N LYS A 183 5.58 12.41 -7.85
CA LYS A 183 6.66 11.45 -7.75
C LYS A 183 6.98 11.08 -6.31
N CYS A 184 6.30 11.68 -5.33
CA CYS A 184 6.51 11.25 -3.94
C CYS A 184 5.83 9.91 -3.70
N ASP A 185 4.69 9.66 -4.37
CA ASP A 185 4.05 8.34 -4.29
C ASP A 185 4.94 7.26 -4.88
N VAL A 186 5.68 7.59 -5.95
CA VAL A 186 6.58 6.61 -6.56
C VAL A 186 7.66 6.19 -5.57
N PHE A 187 8.17 7.15 -4.79
CA PHE A 187 9.13 6.83 -3.76
C PHE A 187 8.53 5.88 -2.73
N SER A 188 7.29 6.14 -2.32
CA SER A 188 6.62 5.27 -1.35
C SER A 188 6.47 3.86 -1.90
N TRP A 189 6.08 3.74 -3.17
CA TRP A 189 5.94 2.43 -3.80
C TRP A 189 7.26 1.66 -3.74
N GLY A 190 8.36 2.33 -4.08
CA GLY A 190 9.66 1.68 -4.00
C GLY A 190 9.92 1.06 -2.63
N ILE A 191 9.62 1.82 -1.56
CA ILE A 191 9.82 1.31 -0.21
C ILE A 191 8.92 0.11 0.04
N ILE A 192 7.65 0.20 -0.38
CA ILE A 192 6.71 -0.91 -0.19
C ILE A 192 7.20 -2.16 -0.93
N LEU A 193 7.82 -1.97 -2.10
CA LEU A 193 8.34 -3.11 -2.85
C LEU A 193 9.41 -3.84 -2.07
N TRP A 194 10.33 -3.08 -1.44
CA TRP A 194 11.33 -3.69 -0.59
C TRP A 194 10.69 -4.39 0.60
N GLU A 195 9.55 -3.88 1.07
CA GLU A 195 8.95 -4.35 2.31
C GLU A 195 8.25 -5.69 2.13
N VAL A 196 7.55 -5.88 1.00
CA VAL A 196 6.86 -7.14 0.76
C VAL A 196 7.82 -8.24 0.37
N ILE A 197 8.94 -7.90 -0.26
CA ILE A 197 9.91 -8.92 -0.65
C ILE A 197 10.69 -9.43 0.56
N THR A 198 11.08 -8.54 1.45
CA THR A 198 11.87 -8.90 2.63
C THR A 198 10.99 -9.27 3.83
N ARG A 199 9.75 -8.79 3.86
CA ARG A 199 8.90 -8.91 5.05
C ARG A 199 9.57 -8.30 6.27
N ARG A 200 10.18 -7.14 6.07
CA ARG A 200 10.80 -6.37 7.14
C ARG A 200 10.18 -4.98 7.20
N LYS A 201 10.10 -4.44 8.40
CA LYS A 201 9.66 -3.07 8.57
C LYS A 201 10.78 -2.15 8.10
N PRO A 202 10.56 -1.27 7.12
CA PRO A 202 11.65 -0.40 6.67
C PRO A 202 12.09 0.54 7.79
N PHE A 203 13.41 0.62 7.97
CA PHE A 203 14.01 1.51 8.97
C PHE A 203 13.53 1.15 10.38
N ASP A 204 13.51 -0.15 10.66
CA ASP A 204 13.23 -0.61 12.02
C ASP A 204 14.47 -0.54 12.90
N GLU A 205 15.64 -0.77 12.30
CA GLU A 205 16.89 -0.73 13.05
C GLU A 205 17.22 0.67 13.54
N ILE A 206 16.79 1.70 12.80
CA ILE A 206 17.01 3.08 13.22
C ILE A 206 16.16 3.39 14.44
N GLY A 207 14.84 3.20 14.31
CA GLY A 207 13.94 3.44 15.41
C GLY A 207 13.96 4.88 15.87
N GLY A 208 13.62 5.08 17.14
CA GLY A 208 13.57 6.39 17.73
C GLY A 208 12.40 7.21 17.23
N PRO A 209 12.44 8.52 17.43
CA PRO A 209 11.37 9.38 16.92
C PRO A 209 11.46 9.56 15.41
N ALA A 210 10.42 10.18 14.85
CA ALA A 210 10.30 10.28 13.39
C ALA A 210 11.45 11.05 12.78
N PHE A 211 11.93 12.11 13.46
CA PHE A 211 12.95 12.95 12.86
C PHE A 211 14.27 12.21 12.63
N ARG A 212 14.52 11.13 13.37
CA ARG A 212 15.76 10.39 13.18
C ARG A 212 15.75 9.59 11.88
N ILE A 213 14.56 9.20 11.41
CA ILE A 213 14.45 8.56 10.11
C ILE A 213 14.51 9.60 9.00
N MET A 214 13.81 10.73 9.18
CA MET A 214 13.88 11.82 8.21
C MET A 214 15.33 12.25 7.97
N TRP A 215 16.12 12.38 9.04
CA TRP A 215 17.52 12.76 8.88
C TRP A 215 18.26 11.71 8.06
N ALA A 216 17.98 10.43 8.29
CA ALA A 216 18.64 9.37 7.55
C ALA A 216 18.27 9.42 6.07
N VAL A 217 16.97 9.42 5.77
CA VAL A 217 16.53 9.42 4.38
C VAL A 217 17.01 10.66 3.65
N HIS A 218 17.01 11.80 4.35
CA HIS A 218 17.46 13.05 3.73
C HIS A 218 18.94 12.98 3.37
N ASN A 219 19.74 12.30 4.18
CA ASN A 219 21.18 12.18 3.94
C ASN A 219 21.52 11.06 2.97
N GLY A 220 20.54 10.31 2.46
CA GLY A 220 20.77 9.33 1.43
C GLY A 220 20.63 7.89 1.87
N THR A 221 20.30 7.63 3.13
CA THR A 221 20.16 6.26 3.59
C THR A 221 18.92 5.62 2.97
N ARG A 222 19.06 4.38 2.55
CA ARG A 222 17.97 3.62 1.95
C ARG A 222 18.01 2.21 2.53
N PRO A 223 16.92 1.45 2.40
CA PRO A 223 16.92 0.09 2.91
C PRO A 223 18.02 -0.72 2.25
N PRO A 224 18.55 -1.73 2.95
CA PRO A 224 19.66 -2.50 2.38
C PRO A 224 19.26 -3.29 1.15
N LEU A 225 20.27 -3.59 0.33
CA LEU A 225 20.04 -4.38 -0.86
C LEU A 225 19.66 -5.81 -0.50
N ILE A 226 18.98 -6.47 -1.42
CA ILE A 226 18.40 -7.79 -1.20
C ILE A 226 19.27 -8.83 -1.89
N LYS A 227 19.57 -9.92 -1.18
CA LYS A 227 20.41 -10.97 -1.73
C LYS A 227 19.66 -11.75 -2.81
N ASN A 228 20.33 -11.98 -3.94
CA ASN A 228 19.79 -12.79 -5.03
C ASN A 228 18.55 -12.16 -5.65
N LEU A 229 18.45 -10.84 -5.58
CA LEU A 229 17.32 -10.15 -6.18
C LEU A 229 17.53 -10.03 -7.69
N PRO A 230 16.50 -10.26 -8.51
CA PRO A 230 16.65 -10.07 -9.95
C PRO A 230 17.02 -8.63 -10.30
N LYS A 231 17.99 -8.48 -11.19
CA LYS A 231 18.46 -7.15 -11.55
C LYS A 231 17.35 -6.25 -12.07
N PRO A 232 16.42 -6.70 -12.93
CA PRO A 232 15.32 -5.82 -13.32
C PRO A 232 14.53 -5.29 -12.14
N ILE A 233 14.28 -6.13 -11.13
CA ILE A 233 13.54 -5.68 -9.95
C ILE A 233 14.40 -4.75 -9.12
N GLU A 234 15.67 -5.09 -8.92
CA GLU A 234 16.58 -4.20 -8.22
C GLU A 234 16.68 -2.85 -8.89
N SER A 235 16.67 -2.83 -10.23
CA SER A 235 16.80 -1.58 -10.97
C SER A 235 15.58 -0.69 -10.76
N LEU A 236 14.39 -1.26 -10.92
CA LEU A 236 13.17 -0.47 -10.72
C LEU A 236 13.09 0.04 -9.29
N MET A 237 13.49 -0.79 -8.32
CA MET A 237 13.42 -0.40 -6.91
C MET A 237 14.33 0.78 -6.62
N THR A 238 15.59 0.69 -7.05
CA THR A 238 16.54 1.77 -6.76
C THR A 238 16.14 3.06 -7.45
N ARG A 239 15.65 2.98 -8.70
CA ARG A 239 15.19 4.19 -9.40
C ARG A 239 14.10 4.89 -8.61
N CYS A 240 13.18 4.12 -8.02
CA CYS A 240 12.15 4.71 -7.18
C CYS A 240 12.72 5.36 -5.93
N TRP A 241 13.92 4.92 -5.48
CA TRP A 241 14.55 5.45 -4.28
C TRP A 241 15.35 6.73 -4.52
N SER A 242 15.59 7.10 -5.78
CA SER A 242 16.53 8.17 -6.09
C SER A 242 16.10 9.47 -5.42
N LYS A 243 17.09 10.25 -4.97
CA LYS A 243 16.79 11.51 -4.31
C LYS A 243 16.10 12.48 -5.25
N ASP A 244 16.50 12.51 -6.52
CA ASP A 244 15.92 13.44 -7.48
C ASP A 244 14.57 12.91 -7.93
N PRO A 245 13.46 13.60 -7.65
CA PRO A 245 12.15 13.08 -8.10
C PRO A 245 12.05 12.87 -9.60
N SER A 246 12.75 13.68 -10.40
CA SER A 246 12.65 13.58 -11.85
C SER A 246 13.30 12.31 -12.38
N GLN A 247 14.29 11.78 -11.66
CA GLN A 247 14.92 10.51 -12.03
C GLN A 247 14.07 9.30 -11.68
N ARG A 248 13.02 9.48 -10.88
CA ARG A 248 12.11 8.37 -10.61
C ARG A 248 11.18 8.16 -11.79
N PRO A 249 10.78 6.91 -12.06
CA PRO A 249 9.86 6.66 -13.16
C PRO A 249 8.44 7.08 -12.80
N SER A 250 7.64 7.28 -13.84
CA SER A 250 6.22 7.55 -13.65
C SER A 250 5.53 6.29 -13.16
N MET A 251 4.30 6.48 -12.65
CA MET A 251 3.50 5.32 -12.25
C MET A 251 3.03 4.53 -13.47
N GLU A 252 2.76 5.21 -14.58
CA GLU A 252 2.44 4.50 -15.82
C GLU A 252 3.56 3.55 -16.19
N GLU A 253 4.82 3.99 -16.04
CA GLU A 253 5.95 3.13 -16.35
C GLU A 253 6.03 1.95 -15.39
N ILE A 254 5.80 2.20 -14.10
CA ILE A 254 5.81 1.10 -13.12
C ILE A 254 4.74 0.08 -13.46
N VAL A 255 3.52 0.55 -13.72
CA VAL A 255 2.42 -0.36 -14.05
C VAL A 255 2.79 -1.23 -15.24
N LYS A 256 3.27 -0.60 -16.31
CA LYS A 256 3.60 -1.34 -17.53
C LYS A 256 4.70 -2.36 -17.27
N ILE A 257 5.76 -1.96 -16.56
CA ILE A 257 6.85 -2.88 -16.26
C ILE A 257 6.35 -4.00 -15.36
N MET A 258 5.60 -3.66 -14.32
CA MET A 258 5.11 -4.68 -13.41
C MET A 258 4.16 -5.64 -14.11
N THR A 259 3.41 -5.15 -15.10
CA THR A 259 2.49 -6.03 -15.82
C THR A 259 3.25 -7.06 -16.64
N HIS A 260 4.35 -6.66 -17.28
CA HIS A 260 5.12 -7.59 -18.09
C HIS A 260 5.97 -8.51 -17.25
N LEU A 261 6.24 -8.16 -15.99
CA LEU A 261 7.00 -9.04 -15.11
C LEU A 261 6.15 -10.18 -14.57
N MET A 262 4.83 -9.99 -14.46
CA MET A 262 3.97 -11.01 -13.88
C MET A 262 3.96 -12.30 -14.70
N ARG A 263 4.37 -12.25 -15.97
CA ARG A 263 4.50 -13.47 -16.75
C ARG A 263 5.40 -14.47 -16.04
N TYR A 264 6.38 -13.98 -15.29
CA TYR A 264 7.34 -14.83 -14.59
C TYR A 264 6.99 -15.01 -13.12
N PHE A 265 5.77 -14.64 -12.71
CA PHE A 265 5.32 -14.79 -11.33
C PHE A 265 3.89 -15.33 -11.35
N PRO A 266 3.70 -16.58 -11.76
CA PRO A 266 2.37 -17.18 -11.71
C PRO A 266 1.99 -17.57 -10.29
N GLY A 267 0.69 -17.76 -10.10
CA GLY A 267 0.16 -18.16 -8.80
C GLY A 267 -0.28 -17.02 -7.91
N ALA A 268 -0.63 -15.87 -8.47
CA ALA A 268 -1.01 -14.72 -7.67
C ALA A 268 -2.46 -14.75 -7.21
N ASP A 269 -3.30 -15.59 -7.82
CA ASP A 269 -4.70 -15.70 -7.45
C ASP A 269 -4.95 -16.75 -6.37
N GLU A 270 -3.91 -17.43 -5.90
CA GLU A 270 -4.06 -18.43 -4.85
C GLU A 270 -4.29 -17.74 -3.52
N PRO A 271 -5.40 -18.01 -2.83
CA PRO A 271 -5.65 -17.31 -1.55
C PRO A 271 -4.55 -17.60 -0.53
N LEU A 272 -4.46 -16.71 0.46
CA LEU A 272 -3.55 -16.91 1.59
C LEU A 272 -4.27 -17.77 2.62
N GLN A 273 -3.76 -18.97 2.85
CA GLN A 273 -4.39 -19.89 3.80
C GLN A 273 -3.40 -20.74 4.58
N TYR A 274 -2.17 -20.87 4.14
CA TYR A 274 -1.17 -21.65 4.85
C TYR A 274 -0.51 -20.81 5.92
N PRO A 275 -0.03 -21.43 7.00
CA PRO A 275 0.53 -20.67 8.12
C PRO A 275 2.04 -20.46 7.97
N CYS A 276 2.54 -19.54 8.77
CA CYS A 276 3.95 -19.19 8.75
C CYS A 276 4.39 -18.84 10.17
N GLN A 277 5.51 -19.40 10.61
CA GLN A 277 6.04 -19.14 11.94
C GLN A 277 7.13 -18.09 11.83
N HIS A 278 7.08 -17.11 12.74
CA HIS A 278 7.84 -15.87 12.60
C HIS A 278 9.25 -16.04 13.18
N SER A 279 10.25 -15.94 12.31
CA SER A 279 11.65 -15.91 12.71
C SER A 279 12.39 -14.94 11.82
N LEU A 280 13.07 -13.97 12.42
CA LEU A 280 13.75 -12.91 11.68
C LEU A 280 15.26 -12.97 11.90
N PRO A 281 16.06 -13.45 10.94
CA PRO A 281 17.51 -13.38 11.09
C PRO A 281 18.01 -11.97 10.90
N PRO A 282 18.91 -11.47 11.78
CA PRO A 282 19.43 -10.11 11.60
C PRO A 282 20.40 -10.00 10.43
N GLY A 283 20.01 -9.29 9.39
CA GLY A 283 20.83 -9.17 8.20
C GLY A 283 22.03 -8.25 8.41
N GLU A 284 23.18 -8.85 8.67
CA GLU A 284 24.41 -8.09 8.87
C GLU A 284 25.09 -7.80 7.54
N ASP A 285 26.09 -6.93 7.59
CA ASP A 285 26.89 -6.56 6.42
C ASP A 285 26.08 -5.77 5.40
N GLY A 286 25.03 -5.09 5.86
CA GLY A 286 24.25 -4.23 4.97
C GLY A 286 23.65 -4.95 3.77
N ARG A 287 23.19 -6.19 3.98
CA ARG A 287 22.59 -6.96 2.90
C ARG A 287 21.70 -8.03 3.53
N VAL A 288 20.43 -8.06 3.11
CA VAL A 288 19.42 -8.87 3.77
C VAL A 288 18.93 -9.96 2.83
N GLU A 289 18.39 -11.02 3.43
CA GLU A 289 17.78 -12.10 2.68
C GLU A 289 16.32 -11.74 2.37
N PRO A 290 15.80 -12.15 1.22
CA PRO A 290 14.37 -11.98 0.96
C PRO A 290 13.54 -13.06 1.64
N TYR A 291 12.29 -12.70 1.94
CA TYR A 291 11.33 -13.69 2.42
C TYR A 291 10.84 -14.55 1.27
N VAL A 292 10.34 -13.92 0.21
CA VAL A 292 9.87 -14.69 -0.94
C VAL A 292 11.05 -15.35 -1.65
N ASP A 293 10.73 -16.31 -2.51
CA ASP A 293 11.72 -17.11 -3.23
C ASP A 293 11.61 -16.83 -4.72
N PHE A 294 12.74 -16.51 -5.35
CA PHE A 294 12.78 -16.16 -6.78
C PHE A 294 13.27 -17.31 -7.65
N ALA A 295 13.41 -18.52 -7.09
CA ALA A 295 13.88 -19.65 -7.89
C ALA A 295 12.99 -19.88 -9.10
N GLU A 296 11.67 -19.81 -8.92
CA GLU A 296 10.76 -20.01 -10.04
C GLU A 296 10.87 -18.89 -11.06
N PHE A 297 11.22 -17.67 -10.62
CA PHE A 297 11.40 -16.56 -11.57
C PHE A 297 12.59 -16.82 -12.49
N TYR A 298 13.75 -17.14 -11.91
CA TYR A 298 14.93 -17.40 -12.73
C TYR A 298 14.71 -18.58 -13.66
N ARG A 299 13.89 -19.55 -13.24
CA ARG A 299 13.58 -20.70 -14.08
C ARG A 299 12.79 -20.25 -15.30
N LEU A 300 11.66 -19.57 -15.08
CA LEU A 300 10.82 -19.14 -16.19
C LEU A 300 11.53 -18.11 -17.06
N TRP A 301 12.42 -17.31 -16.47
CA TRP A 301 13.17 -16.33 -17.24
C TRP A 301 14.15 -17.01 -18.19
N SER A 302 14.66 -18.18 -17.82
CA SER A 302 15.59 -18.89 -18.69
C SER A 302 14.88 -19.50 -19.89
N VAL A 303 13.62 -19.91 -19.72
CA VAL A 303 12.88 -20.52 -20.82
C VAL A 303 12.67 -19.52 -21.95
N ASP A 304 12.31 -18.28 -21.61
CA ASP A 304 12.12 -17.26 -22.63
C ASP A 304 13.45 -16.79 -23.19
N HIS A 305 14.43 -16.56 -22.33
CA HIS A 305 15.73 -16.03 -22.72
C HIS A 305 16.71 -17.20 -22.85
N GLY A 306 16.85 -17.71 -24.07
CA GLY A 306 17.74 -18.83 -24.33
C GLY A 306 17.16 -20.16 -23.93
#